data_8CLU
#
_entry.id   8CLU
#
_cell.length_a   64.556
_cell.length_b   121.840
_cell.length_c   172.625
_cell.angle_alpha   90.00
_cell.angle_beta   90.00
_cell.angle_gamma   90.00
#
_symmetry.space_group_name_H-M   'C 2 2 21'
#
loop_
_entity.id
_entity.type
_entity.pdbx_description
1 polymer 'Zearalenone lactonase'
2 non-polymer (4~{S})-4-methyl-16,18-bis(oxidanyl)-3-azabicyclo[12.4.0]octadeca-1(18),12,14,16-tetraene-2,8-dione
3 non-polymer GLYCEROL
4 water water
#
_entity_poly.entity_id   1
_entity_poly.type   'polypeptide(L)'
_entity_poly.pdbx_seq_one_letter_code
;MAEEGTRSEAADAATQARQLPDSRNIFVSHRFPERQVDLGEVVMNFAEAGSPDNPALLLLPEQTGSWWSYEPVMGLLAEN
FHVFAVDIRGQGRSTWTPRRYSLDNFGNDLVRFIALVIKRPVVVAGNSSGGLLAAWLSAYAMPGQIRAALCEDAPFFASE
LVPAYGHSVLQAAGPAFELYRDFLGDQWSIGDWKGFVEAAKASPAKAMQLFPTPDEAPQNLKEYDPEWGRAFFEGTVALH
CPHDRMLSQVKTPILITHHARTIDPETGELLGALSDLQAEHAQDIIRSAGVRVDYQSHPDALHMMHLFDPARYAEILTSW
SATLPANDHHHHHH
;
_entity_poly.pdbx_strand_id   A,B
#
# COMPACT_ATOMS: atom_id res chain seq x y z
N ARG A 24 -15.38 6.70 20.01
CA ARG A 24 -14.69 7.74 19.25
C ARG A 24 -15.50 9.07 19.21
N ASN A 25 -15.55 9.78 20.35
CA ASN A 25 -16.18 11.11 20.41
C ASN A 25 -15.50 11.95 21.49
N ILE A 26 -14.18 11.92 21.51
CA ILE A 26 -13.38 12.56 22.54
C ILE A 26 -12.68 13.81 21.99
N PHE A 27 -13.19 14.39 20.91
CA PHE A 27 -12.47 15.48 20.25
C PHE A 27 -12.72 16.81 20.95
N VAL A 28 -11.80 17.75 20.72
CA VAL A 28 -11.80 19.07 21.35
C VAL A 28 -11.76 20.13 20.26
N SER A 29 -12.02 21.37 20.66
CA SER A 29 -12.14 22.47 19.72
C SER A 29 -10.77 22.90 19.22
N HIS A 30 -10.76 23.62 18.10
CA HIS A 30 -9.51 24.13 17.54
C HIS A 30 -9.78 25.43 16.83
N ARG A 31 -8.71 26.18 16.58
CA ARG A 31 -8.87 27.55 16.07
C ARG A 31 -8.85 27.61 14.54
N PHE A 32 -8.68 26.49 13.85
CA PHE A 32 -8.95 26.39 12.42
C PHE A 32 -10.09 25.42 12.18
N PRO A 33 -11.07 25.76 11.35
CA PRO A 33 -12.14 24.80 11.04
C PRO A 33 -11.61 23.54 10.40
N GLU A 34 -12.24 22.44 10.77
CA GLU A 34 -11.90 21.12 10.28
C GLU A 34 -12.96 20.65 9.30
N ARG A 35 -12.52 19.86 8.33
CA ARG A 35 -13.36 19.31 7.29
C ARG A 35 -12.90 17.89 7.04
N GLN A 36 -13.77 17.07 6.46
CA GLN A 36 -13.40 15.69 6.16
C GLN A 36 -13.64 15.41 4.68
N VAL A 37 -12.83 14.51 4.10
CA VAL A 37 -13.03 14.12 2.72
C VAL A 37 -12.96 12.61 2.61
N ASP A 38 -13.84 12.04 1.81
CA ASP A 38 -13.86 10.60 1.57
C ASP A 38 -12.80 10.28 0.53
N LEU A 39 -11.77 9.55 0.96
CA LEU A 39 -10.73 9.07 0.06
C LEU A 39 -11.08 7.70 -0.53
N GLY A 40 -12.17 7.08 -0.08
CA GLY A 40 -12.55 5.76 -0.56
C GLY A 40 -12.66 4.78 0.59
N GLU A 41 -11.53 4.44 1.19
CA GLU A 41 -11.50 3.68 2.44
C GLU A 41 -11.46 4.59 3.66
N VAL A 42 -10.55 5.53 3.65
CA VAL A 42 -10.36 6.43 4.78
C VAL A 42 -11.15 7.69 4.51
N VAL A 43 -11.85 8.17 5.51
CA VAL A 43 -12.39 9.52 5.53
C VAL A 43 -11.37 10.34 6.33
N MET A 44 -10.75 11.32 5.67
CA MET A 44 -9.60 12.04 6.21
C MET A 44 -10.01 13.42 6.66
N ASN A 45 -9.67 13.73 7.90
CA ASN A 45 -9.94 15.00 8.53
C ASN A 45 -8.74 15.92 8.31
N PHE A 46 -8.99 17.22 8.12
CA PHE A 46 -7.89 18.15 7.88
C PHE A 46 -8.35 19.54 8.26
N ALA A 47 -7.37 20.40 8.53
CA ALA A 47 -7.58 21.82 8.74
C ALA A 47 -6.86 22.60 7.65
N GLU A 48 -7.50 23.65 7.13
CA GLU A 48 -6.97 24.45 6.03
C GLU A 48 -6.75 25.87 6.51
N ALA A 49 -5.63 26.50 6.12
CA ALA A 49 -5.44 27.91 6.39
C ALA A 49 -4.68 28.57 5.25
N GLY A 50 -4.93 29.85 5.08
CA GLY A 50 -4.20 30.62 4.10
C GLY A 50 -4.94 30.73 2.78
N SER A 51 -4.29 31.41 1.86
CA SER A 51 -4.84 31.75 0.56
C SER A 51 -4.24 30.84 -0.50
N PRO A 52 -5.08 30.39 -1.44
CA PRO A 52 -4.59 29.56 -2.56
C PRO A 52 -3.68 30.32 -3.49
N ASP A 53 -3.53 31.63 -3.30
CA ASP A 53 -2.56 32.37 -4.09
C ASP A 53 -1.13 32.03 -3.71
N ASN A 54 -0.91 31.41 -2.55
CA ASN A 54 0.43 31.05 -2.11
C ASN A 54 0.66 29.56 -2.32
N PRO A 55 1.91 29.13 -2.29
CA PRO A 55 2.20 27.70 -2.56
C PRO A 55 1.48 26.79 -1.57
N ALA A 56 0.96 25.69 -2.09
CA ALA A 56 0.32 24.67 -1.26
C ALA A 56 1.35 23.92 -0.42
N LEU A 57 1.01 23.69 0.85
CA LEU A 57 1.85 23.05 1.85
C LEU A 57 1.02 22.03 2.60
N LEU A 58 1.48 20.78 2.59
CA LEU A 58 0.83 19.64 3.25
C LEU A 58 1.64 19.25 4.48
N LEU A 59 1.03 19.29 5.66
CA LEU A 59 1.72 19.07 6.92
C LEU A 59 1.33 17.71 7.49
N LEU A 60 2.33 16.87 7.75
CA LEU A 60 2.11 15.51 8.21
C LEU A 60 2.58 15.34 9.65
N PRO A 61 1.72 14.98 10.60
CA PRO A 61 2.16 14.89 12.01
C PRO A 61 3.05 13.68 12.28
N GLU A 62 3.66 13.72 13.46
CA GLU A 62 4.36 12.60 14.06
C GLU A 62 3.36 11.52 14.47
N GLN A 63 3.87 10.29 14.66
CA GLN A 63 3.03 9.25 15.24
C GLN A 63 2.49 9.71 16.59
N THR A 64 1.21 9.42 16.85
CA THR A 64 0.39 9.81 18.02
C THR A 64 -0.03 11.28 17.92
N GLY A 65 0.31 11.99 16.86
CA GLY A 65 -0.03 13.39 16.71
C GLY A 65 -1.12 13.57 15.66
N SER A 66 -2.13 14.34 16.00
CA SER A 66 -3.17 14.76 15.09
C SER A 66 -2.69 16.00 14.32
N TRP A 67 -3.52 16.47 13.41
CA TRP A 67 -3.15 17.64 12.60
C TRP A 67 -2.77 18.80 13.49
N TRP A 68 -3.39 18.91 14.67
CA TRP A 68 -3.23 20.10 15.49
C TRP A 68 -1.94 20.06 16.30
N SER A 69 -1.13 19.02 16.14
CA SER A 69 0.30 19.10 16.40
C SER A 69 0.91 20.32 15.75
N TYR A 70 0.32 20.76 14.64
CA TYR A 70 0.75 21.94 13.90
C TYR A 70 -0.05 23.19 14.23
N GLU A 71 -1.02 23.12 15.13
CA GLU A 71 -1.92 24.25 15.29
C GLU A 71 -1.17 25.50 15.76
N PRO A 72 -0.22 25.42 16.69
CA PRO A 72 0.49 26.66 17.07
C PRO A 72 1.30 27.25 15.93
N VAL A 73 1.79 26.46 14.98
CA VAL A 73 2.65 27.02 13.92
C VAL A 73 1.90 27.35 12.64
N MET A 74 0.66 26.89 12.47
CA MET A 74 -0.01 27.12 11.18
C MET A 74 -0.30 28.60 10.92
N GLY A 75 -0.64 29.39 11.93
CA GLY A 75 -0.81 30.81 11.70
C GLY A 75 0.42 31.44 11.07
N LEU A 76 1.61 31.08 11.58
CA LEU A 76 2.84 31.58 10.99
C LEU A 76 2.98 31.13 9.55
N LEU A 77 2.72 29.85 9.28
CA LEU A 77 2.88 29.32 7.92
C LEU A 77 1.81 29.85 6.97
N ALA A 78 0.59 30.06 7.45
CA ALA A 78 -0.47 30.56 6.58
C ALA A 78 -0.20 31.95 6.04
N GLU A 79 0.77 32.68 6.61
CA GLU A 79 1.20 33.94 6.01
C GLU A 79 1.74 33.76 4.60
N ASN A 80 2.40 32.64 4.32
CA ASN A 80 3.16 32.44 3.11
C ASN A 80 2.75 31.21 2.32
N PHE A 81 1.89 30.36 2.88
CA PHE A 81 1.52 29.10 2.28
C PHE A 81 0.01 28.88 2.36
N HIS A 82 -0.52 28.12 1.40
CA HIS A 82 -1.87 27.55 1.51
C HIS A 82 -1.72 26.22 2.23
N VAL A 83 -2.07 26.19 3.51
CA VAL A 83 -1.68 25.11 4.42
C VAL A 83 -2.81 24.09 4.52
N PHE A 84 -2.46 22.81 4.41
CA PHE A 84 -3.35 21.71 4.76
C PHE A 84 -2.67 20.82 5.81
N ALA A 85 -3.23 20.76 7.00
CA ALA A 85 -2.72 19.85 8.03
C ALA A 85 -3.71 18.71 8.20
N VAL A 86 -3.21 17.47 8.09
CA VAL A 86 -4.10 16.31 8.04
C VAL A 86 -3.94 15.42 9.27
N ASP A 87 -5.03 14.69 9.55
CA ASP A 87 -5.02 13.53 10.44
C ASP A 87 -4.76 12.31 9.56
N ILE A 88 -3.63 11.65 9.78
CA ILE A 88 -3.35 10.42 9.04
C ILE A 88 -4.30 9.33 9.53
N ARG A 89 -4.55 8.34 8.66
CA ARG A 89 -5.35 7.18 9.02
C ARG A 89 -4.89 6.65 10.36
N GLY A 90 -5.85 6.22 11.19
CA GLY A 90 -5.52 5.76 12.53
C GLY A 90 -5.23 6.85 13.56
N GLN A 91 -5.60 8.11 13.28
CA GLN A 91 -5.27 9.24 14.14
C GLN A 91 -6.32 10.33 14.02
N GLY A 92 -6.64 10.96 15.15
CA GLY A 92 -7.53 12.10 15.12
C GLY A 92 -8.92 11.69 14.71
N ARG A 93 -9.51 12.48 13.82
CA ARG A 93 -10.85 12.20 13.32
C ARG A 93 -10.84 11.35 12.05
N SER A 94 -9.67 10.97 11.55
CA SER A 94 -9.58 10.13 10.38
C SER A 94 -9.88 8.67 10.72
N THR A 95 -10.41 7.96 9.73
CA THR A 95 -10.83 6.59 9.97
C THR A 95 -9.72 5.77 10.62
N TRP A 96 -10.09 4.99 11.64
CA TRP A 96 -9.23 3.92 12.17
C TRP A 96 -9.45 2.67 11.32
N THR A 97 -8.37 2.02 10.86
CA THR A 97 -8.48 0.91 9.90
C THR A 97 -7.73 -0.32 10.42
N PRO A 98 -8.38 -1.14 11.23
CA PRO A 98 -7.71 -2.30 11.81
C PRO A 98 -6.99 -3.14 10.76
N ARG A 99 -5.75 -3.53 11.06
CA ARG A 99 -4.93 -4.49 10.31
C ARG A 99 -4.36 -3.88 9.03
N ARG A 100 -4.60 -2.60 8.75
CA ARG A 100 -4.24 -1.99 7.48
C ARG A 100 -3.18 -0.92 7.62
N TYR A 101 -2.43 -0.92 8.72
CA TYR A 101 -1.45 0.12 8.97
C TYR A 101 -0.11 -0.23 8.32
N SER A 102 0.21 0.46 7.22
CA SER A 102 1.44 0.29 6.48
C SER A 102 1.81 1.66 5.90
N LEU A 103 3.11 1.88 5.66
CA LEU A 103 3.51 3.15 5.06
C LEU A 103 2.84 3.35 3.70
N ASP A 104 2.71 2.26 2.93
CA ASP A 104 2.08 2.35 1.62
C ASP A 104 0.64 2.79 1.74
N ASN A 105 -0.12 2.25 2.72
CA ASN A 105 -1.52 2.68 2.84
C ASN A 105 -1.61 4.12 3.36
N PHE A 106 -0.77 4.48 4.34
CA PHE A 106 -0.71 5.88 4.75
C PHE A 106 -0.40 6.78 3.56
N GLY A 107 0.57 6.37 2.76
CA GLY A 107 1.04 7.18 1.67
C GLY A 107 0.00 7.34 0.58
N ASN A 108 -0.68 6.25 0.23
CA ASN A 108 -1.65 6.37 -0.85
C ASN A 108 -2.86 7.18 -0.42
N ASP A 109 -3.21 7.15 0.86
CA ASP A 109 -4.23 8.08 1.36
C ASP A 109 -3.84 9.51 1.01
N LEU A 110 -2.59 9.88 1.30
CA LEU A 110 -2.13 11.24 1.06
C LEU A 110 -2.06 11.56 -0.44
N VAL A 111 -1.73 10.57 -1.28
CA VAL A 111 -1.84 10.76 -2.73
C VAL A 111 -3.28 11.13 -3.10
N ARG A 112 -4.25 10.42 -2.52
CA ARG A 112 -5.65 10.70 -2.84
C ARG A 112 -6.07 12.07 -2.32
N PHE A 113 -5.62 12.40 -1.13
CA PHE A 113 -5.93 13.70 -0.56
C PHE A 113 -5.46 14.83 -1.48
N ILE A 114 -4.22 14.77 -1.95
CA ILE A 114 -3.72 15.80 -2.86
C ILE A 114 -4.57 15.85 -4.10
N ALA A 115 -4.91 14.68 -4.64
CA ALA A 115 -5.62 14.63 -5.91
C ALA A 115 -7.05 15.12 -5.76
N LEU A 116 -7.69 14.86 -4.62
CA LEU A 116 -9.11 15.17 -4.44
C LEU A 116 -9.37 16.52 -3.79
N VAL A 117 -8.46 17.00 -2.94
CA VAL A 117 -8.64 18.24 -2.18
C VAL A 117 -7.76 19.36 -2.68
N ILE A 118 -6.46 19.12 -2.79
CA ILE A 118 -5.54 20.22 -3.01
C ILE A 118 -5.45 20.55 -4.50
N LYS A 119 -5.30 19.53 -5.36
CA LYS A 119 -5.37 19.66 -6.81
C LYS A 119 -4.27 20.54 -7.39
N ARG A 120 -3.15 20.64 -6.67
CA ARG A 120 -1.98 21.41 -7.08
C ARG A 120 -0.76 20.67 -6.59
N PRO A 121 0.40 20.93 -7.18
CA PRO A 121 1.65 20.39 -6.59
C PRO A 121 1.84 20.94 -5.19
N VAL A 122 2.44 20.14 -4.31
CA VAL A 122 2.62 20.57 -2.92
C VAL A 122 4.05 20.43 -2.48
N VAL A 123 4.43 21.28 -1.54
CA VAL A 123 5.54 21.01 -0.65
C VAL A 123 4.96 20.19 0.48
N VAL A 124 5.61 19.08 0.82
CA VAL A 124 5.14 18.24 1.94
C VAL A 124 6.20 18.28 3.04
N ALA A 125 5.75 18.55 4.25
CA ALA A 125 6.61 18.64 5.44
C ALA A 125 6.05 17.70 6.48
N GLY A 126 6.85 16.73 6.93
CA GLY A 126 6.39 15.80 7.94
C GLY A 126 7.41 15.59 9.04
N ASN A 127 6.88 15.36 10.25
CA ASN A 127 7.65 15.08 11.46
C ASN A 127 7.66 13.58 11.74
N SER A 128 8.85 13.01 11.96
CA SER A 128 8.96 11.65 12.49
C SER A 128 8.41 10.68 11.44
N SER A 129 7.41 9.84 11.79
CA SER A 129 6.78 9.01 10.77
C SER A 129 6.14 9.84 9.64
N GLY A 130 5.64 11.02 9.94
CA GLY A 130 5.21 11.90 8.87
C GLY A 130 6.33 12.30 7.94
N GLY A 131 7.56 12.39 8.48
CA GLY A 131 8.73 12.65 7.63
C GLY A 131 9.09 11.46 6.77
N LEU A 132 8.92 10.26 7.31
CA LEU A 132 9.01 9.07 6.47
C LEU A 132 8.03 9.18 5.31
N LEU A 133 6.82 9.65 5.58
CA LEU A 133 5.79 9.70 4.57
C LEU A 133 6.04 10.83 3.58
N ALA A 134 6.67 11.91 4.01
CA ALA A 134 7.08 12.94 3.06
C ALA A 134 8.07 12.38 2.04
N ALA A 135 9.06 11.63 2.52
CA ALA A 135 9.97 10.95 1.60
C ALA A 135 9.22 9.91 0.77
N TRP A 136 8.27 9.20 1.37
CA TRP A 136 7.45 8.24 0.61
C TRP A 136 6.80 8.91 -0.58
N LEU A 137 6.21 10.08 -0.34
CA LEU A 137 5.54 10.83 -1.42
C LEU A 137 6.54 11.27 -2.48
N SER A 138 7.69 11.82 -2.04
CA SER A 138 8.72 12.21 -2.98
C SER A 138 9.04 11.09 -3.96
N ALA A 139 9.05 9.86 -3.49
CA ALA A 139 9.41 8.71 -4.31
C ALA A 139 8.20 8.12 -5.04
N TYR A 140 7.06 8.05 -4.38
CA TYR A 140 5.99 7.16 -4.80
C TYR A 140 4.65 7.85 -5.12
N ALA A 141 4.56 9.18 -5.00
CA ALA A 141 3.31 9.87 -5.35
C ALA A 141 3.06 9.78 -6.85
N MET A 142 1.89 10.27 -7.28
CA MET A 142 1.60 10.35 -8.68
C MET A 142 2.44 11.46 -9.31
N PRO A 143 2.71 11.38 -10.60
CA PRO A 143 3.66 12.31 -11.22
C PRO A 143 3.23 13.75 -11.05
N GLY A 144 4.16 14.58 -10.59
CA GLY A 144 3.94 15.99 -10.48
C GLY A 144 3.28 16.45 -9.21
N GLN A 145 2.82 15.53 -8.36
CA GLN A 145 2.11 15.90 -7.13
C GLN A 145 3.02 16.59 -6.13
N ILE A 146 4.29 16.18 -6.08
CA ILE A 146 5.20 16.62 -5.02
C ILE A 146 6.27 17.51 -5.61
N ARG A 147 6.41 18.74 -5.06
CA ARG A 147 7.49 19.64 -5.47
C ARG A 147 8.79 19.34 -4.71
N ALA A 148 8.67 18.93 -3.44
CA ALA A 148 9.77 18.91 -2.48
C ALA A 148 9.27 18.36 -1.16
N ALA A 149 10.16 17.77 -0.39
CA ALA A 149 9.79 17.15 0.88
C ALA A 149 10.71 17.66 1.96
N LEU A 150 10.12 18.08 3.08
CA LEU A 150 10.83 18.39 4.30
C LEU A 150 10.60 17.26 5.28
N CYS A 151 11.69 16.62 5.71
CA CYS A 151 11.65 15.45 6.59
C CYS A 151 12.18 15.91 7.94
N GLU A 152 11.28 16.17 8.88
CA GLU A 152 11.64 16.82 10.14
C GLU A 152 11.91 15.72 11.15
N ASP A 153 13.20 15.51 11.44
CA ASP A 153 13.63 14.49 12.41
C ASP A 153 12.91 13.15 12.14
N ALA A 154 13.02 12.68 10.91
CA ALA A 154 12.41 11.42 10.50
C ALA A 154 13.28 10.23 10.85
N PRO A 155 12.73 9.19 11.44
CA PRO A 155 13.55 8.03 11.86
C PRO A 155 13.83 7.05 10.72
N PHE A 156 14.55 7.53 9.71
CA PHE A 156 15.10 6.68 8.68
C PHE A 156 15.94 5.59 9.33
N PHE A 157 15.69 4.34 8.90
CA PHE A 157 16.36 3.15 9.40
C PHE A 157 15.96 2.80 10.84
N ALA A 158 16.05 3.75 11.76
CA ALA A 158 15.78 3.49 13.17
C ALA A 158 14.36 3.03 13.44
N SER A 159 13.44 3.29 12.51
CA SER A 159 12.04 2.88 12.68
C SER A 159 11.75 1.60 11.92
N GLU A 160 12.77 0.98 11.33
CA GLU A 160 12.65 -0.32 10.70
C GLU A 160 13.02 -1.45 11.66
N LEU A 161 12.42 -2.62 11.40
CA LEU A 161 12.79 -3.81 12.16
C LEU A 161 14.17 -4.33 11.74
N VAL A 162 14.46 -4.36 10.44
CA VAL A 162 15.77 -4.78 9.94
C VAL A 162 16.31 -3.69 9.02
N PRO A 163 16.82 -2.61 9.58
CA PRO A 163 17.32 -1.51 8.77
C PRO A 163 18.58 -1.91 8.04
N ALA A 164 18.85 -1.22 6.95
CA ALA A 164 20.12 -1.43 6.26
C ALA A 164 21.30 -0.95 7.10
N TYR A 165 21.09 0.03 7.98
CA TYR A 165 22.18 0.68 8.70
C TYR A 165 21.74 1.00 10.11
N GLY A 166 22.61 0.75 11.08
CA GLY A 166 22.43 1.25 12.42
C GLY A 166 21.35 0.53 13.22
N HIS A 167 20.87 1.27 14.23
CA HIS A 167 19.88 0.78 15.18
C HIS A 167 18.59 0.36 14.49
N SER A 168 18.06 -0.79 14.89
CA SER A 168 16.68 -1.11 14.58
C SER A 168 15.74 -0.46 15.57
N VAL A 169 14.45 -0.48 15.23
CA VAL A 169 13.43 0.04 16.14
C VAL A 169 13.51 -0.64 17.51
N LEU A 170 14.05 -1.87 17.57
CA LEU A 170 14.11 -2.56 18.84
C LEU A 170 15.10 -1.89 19.80
N GLN A 171 16.07 -1.16 19.25
N GLN A 171 16.06 -1.15 19.25
CA GLN A 171 17.07 -0.45 20.06
CA GLN A 171 17.09 -0.45 20.02
C GLN A 171 16.86 1.06 20.02
C GLN A 171 16.83 1.06 20.10
N ALA A 172 15.64 1.50 19.72
CA ALA A 172 15.30 2.92 19.65
C ALA A 172 13.90 3.15 20.22
N ALA A 173 12.90 3.50 19.41
CA ALA A 173 11.59 3.82 19.99
C ALA A 173 10.75 2.58 20.28
N GLY A 174 11.20 1.40 19.88
CA GLY A 174 10.42 0.19 20.00
C GLY A 174 9.81 -0.11 21.36
N PRO A 175 10.58 0.00 22.45
CA PRO A 175 10.00 -0.38 23.74
C PRO A 175 8.74 0.39 24.09
N ALA A 176 8.66 1.66 23.69
CA ALA A 176 7.46 2.44 23.91
C ALA A 176 6.29 1.88 23.10
N PHE A 177 6.52 1.56 21.82
CA PHE A 177 5.46 1.02 20.98
C PHE A 177 4.99 -0.32 21.49
N GLU A 178 5.92 -1.13 21.98
CA GLU A 178 5.61 -2.39 22.61
C GLU A 178 4.61 -2.20 23.75
N LEU A 179 4.80 -1.17 24.56
CA LEU A 179 3.89 -0.94 25.67
C LEU A 179 2.56 -0.35 25.21
N TYR A 180 2.55 0.50 24.18
CA TYR A 180 1.28 0.90 23.59
C TYR A 180 0.48 -0.34 23.19
N ARG A 181 1.15 -1.29 22.56
CA ARG A 181 0.46 -2.50 22.13
C ARG A 181 -0.03 -3.30 23.32
N ASP A 182 0.87 -3.49 24.30
CA ASP A 182 0.59 -4.44 25.36
C ASP A 182 -0.44 -3.91 26.35
N PHE A 183 -0.51 -2.59 26.55
CA PHE A 183 -1.40 -2.04 27.57
C PHE A 183 -2.56 -1.23 27.02
N LEU A 184 -2.40 -0.58 25.87
CA LEU A 184 -3.51 0.14 25.26
C LEU A 184 -4.27 -0.74 24.26
N GLY A 185 -3.55 -1.46 23.42
CA GLY A 185 -4.16 -2.44 22.55
C GLY A 185 -4.68 -1.83 21.26
N ASP A 186 -4.77 -2.69 20.24
CA ASP A 186 -5.36 -2.30 18.97
C ASP A 186 -6.69 -1.58 19.20
N GLN A 187 -6.84 -0.40 18.58
CA GLN A 187 -8.05 0.43 18.67
C GLN A 187 -8.47 0.66 20.12
N TRP A 188 -7.48 0.80 21.02
CA TRP A 188 -7.75 1.02 22.45
C TRP A 188 -8.60 -0.09 23.05
N SER A 189 -8.40 -1.34 22.60
CA SER A 189 -9.23 -2.45 23.05
C SER A 189 -8.89 -2.93 24.46
N ILE A 190 -7.67 -2.64 24.93
CA ILE A 190 -7.28 -2.96 26.31
C ILE A 190 -7.47 -1.70 27.17
N GLY A 191 -6.83 -0.59 26.80
CA GLY A 191 -7.11 0.65 27.48
C GLY A 191 -6.57 0.77 28.90
N ASP A 192 -5.48 0.04 29.22
CA ASP A 192 -4.95 0.01 30.59
C ASP A 192 -3.87 1.10 30.71
N TRP A 193 -4.34 2.35 30.80
CA TRP A 193 -3.42 3.49 30.89
C TRP A 193 -2.57 3.40 32.14
N LYS A 194 -3.19 3.07 33.27
CA LYS A 194 -2.44 2.92 34.52
C LYS A 194 -1.30 1.94 34.36
N GLY A 195 -1.58 0.78 33.76
CA GLY A 195 -0.56 -0.23 33.63
C GLY A 195 0.49 0.15 32.62
N PHE A 196 0.09 0.90 31.60
CA PHE A 196 1.06 1.46 30.66
C PHE A 196 2.05 2.36 31.41
N VAL A 197 1.54 3.27 32.22
CA VAL A 197 2.41 4.19 32.96
C VAL A 197 3.35 3.41 33.87
N GLU A 198 2.81 2.43 34.59
CA GLU A 198 3.62 1.62 35.51
C GLU A 198 4.71 0.86 34.78
N ALA A 199 4.37 0.22 33.66
CA ALA A 199 5.35 -0.50 32.86
C ALA A 199 6.41 0.43 32.29
N ALA A 200 5.99 1.60 31.82
CA ALA A 200 6.91 2.60 31.31
C ALA A 200 7.96 2.97 32.34
N LYS A 201 7.51 3.29 33.55
CA LYS A 201 8.43 3.72 34.60
C LYS A 201 9.38 2.60 34.99
N ALA A 202 8.93 1.35 34.90
CA ALA A 202 9.77 0.23 35.27
C ALA A 202 10.66 -0.25 34.13
N SER A 203 10.59 0.36 32.94
CA SER A 203 11.26 -0.21 31.78
C SER A 203 12.78 -0.07 31.90
N PRO A 204 13.55 -1.07 31.43
CA PRO A 204 15.01 -0.90 31.37
C PRO A 204 15.48 -0.04 30.22
N ALA A 205 14.57 0.38 29.34
CA ALA A 205 14.94 1.06 28.13
C ALA A 205 15.13 2.53 28.47
N LYS A 206 16.38 3.02 28.37
CA LYS A 206 16.65 4.44 28.58
C LYS A 206 15.75 5.31 27.71
N ALA A 207 15.43 4.84 26.51
CA ALA A 207 14.60 5.59 25.57
C ALA A 207 13.19 5.82 26.06
N MET A 208 12.74 5.07 27.08
N MET A 208 12.73 5.08 27.08
CA MET A 208 11.38 5.24 27.58
CA MET A 208 11.37 5.27 27.55
C MET A 208 11.17 6.62 28.19
C MET A 208 11.17 6.65 28.14
N GLN A 209 12.24 7.31 28.57
CA GLN A 209 12.13 8.64 29.13
C GLN A 209 11.66 9.68 28.13
N LEU A 210 11.78 9.38 26.83
CA LEU A 210 11.37 10.31 25.79
C LEU A 210 9.85 10.36 25.58
N PHE A 211 9.07 9.45 26.23
CA PHE A 211 7.64 9.34 25.98
C PHE A 211 6.80 9.87 27.15
N PRO A 212 5.67 10.55 26.86
CA PRO A 212 4.78 11.04 27.93
C PRO A 212 4.25 9.89 28.80
N THR A 213 4.37 10.05 30.13
CA THR A 213 3.78 9.11 31.09
C THR A 213 2.94 9.83 32.16
N PRO A 214 2.04 10.74 31.75
CA PRO A 214 1.17 11.43 32.71
C PRO A 214 0.13 10.50 33.30
N ASP A 215 -0.49 10.98 34.38
CA ASP A 215 -1.45 10.16 35.12
C ASP A 215 -2.73 9.92 34.34
N GLU A 216 -3.02 10.72 33.33
CA GLU A 216 -4.21 10.51 32.51
C GLU A 216 -3.77 10.55 31.06
N ALA A 217 -4.39 9.70 30.23
CA ALA A 217 -3.96 9.62 28.83
C ALA A 217 -4.12 11.00 28.21
N PRO A 218 -3.10 11.51 27.53
CA PRO A 218 -3.24 12.86 26.93
C PRO A 218 -4.16 12.84 25.71
N GLN A 219 -4.62 14.03 25.35
CA GLN A 219 -5.61 14.17 24.27
C GLN A 219 -5.10 13.55 22.99
N ASN A 220 -3.84 13.83 22.62
CA ASN A 220 -3.32 13.29 21.36
C ASN A 220 -3.39 11.77 21.35
N LEU A 221 -3.16 11.14 22.49
CA LEU A 221 -3.10 9.68 22.52
C LEU A 221 -4.49 9.07 22.53
N LYS A 222 -5.44 9.76 23.14
CA LYS A 222 -6.84 9.34 23.03
C LYS A 222 -7.31 9.35 21.58
N GLU A 223 -6.68 10.15 20.73
CA GLU A 223 -7.03 10.25 19.32
C GLU A 223 -6.26 9.26 18.45
N TYR A 224 -5.38 8.46 19.06
CA TYR A 224 -4.41 7.61 18.40
C TYR A 224 -4.85 6.15 18.47
N ASP A 225 -4.71 5.44 17.35
CA ASP A 225 -4.98 4.00 17.33
C ASP A 225 -3.68 3.25 17.65
N PRO A 226 -3.55 2.61 18.81
CA PRO A 226 -2.25 2.02 19.18
C PRO A 226 -1.83 0.86 18.31
N GLU A 227 -2.69 0.38 17.39
CA GLU A 227 -2.17 -0.57 16.41
C GLU A 227 -1.06 0.05 15.56
N TRP A 228 -1.03 1.38 15.44
CA TRP A 228 0.14 2.03 14.88
C TRP A 228 1.41 1.52 15.56
N GLY A 229 1.42 1.57 16.90
CA GLY A 229 2.59 1.16 17.63
C GLY A 229 2.91 -0.30 17.43
N ARG A 230 1.90 -1.17 17.46
CA ARG A 230 2.11 -2.57 17.14
C ARG A 230 2.83 -2.69 15.82
N ALA A 231 2.35 -1.96 14.80
CA ALA A 231 2.87 -2.15 13.44
C ALA A 231 4.35 -1.78 13.36
N PHE A 232 4.77 -0.73 14.09
CA PHE A 232 6.17 -0.35 14.11
C PHE A 232 7.00 -1.37 14.90
N PHE A 233 6.53 -1.78 16.06
CA PHE A 233 7.31 -2.70 16.89
C PHE A 233 7.47 -4.07 16.24
N GLU A 234 6.43 -4.55 15.55
CA GLU A 234 6.44 -5.87 14.94
C GLU A 234 7.06 -5.89 13.54
N GLY A 235 7.42 -4.73 13.00
CA GLY A 235 8.07 -4.69 11.71
C GLY A 235 7.14 -4.94 10.55
N THR A 236 5.86 -4.67 10.73
CA THR A 236 4.92 -4.82 9.62
C THR A 236 4.66 -3.51 8.92
N VAL A 237 4.87 -2.37 9.58
CA VAL A 237 4.43 -1.11 8.96
C VAL A 237 5.23 -0.79 7.70
N ALA A 238 6.53 -1.15 7.70
CA ALA A 238 7.40 -0.87 6.56
C ALA A 238 8.00 -2.14 5.97
N LEU A 239 7.38 -3.29 6.23
CA LEU A 239 7.81 -4.54 5.59
C LEU A 239 7.96 -4.36 4.09
N HIS A 240 7.00 -3.68 3.45
CA HIS A 240 6.99 -3.54 1.98
C HIS A 240 7.63 -2.24 1.54
N CYS A 241 8.28 -1.51 2.45
CA CYS A 241 8.86 -0.19 2.15
C CYS A 241 10.21 -0.07 2.86
N PRO A 242 11.16 -0.94 2.50
CA PRO A 242 12.51 -0.79 3.05
C PRO A 242 13.01 0.62 2.77
N HIS A 243 13.64 1.23 3.78
CA HIS A 243 13.97 2.64 3.69
C HIS A 243 15.12 2.90 2.72
N ASP A 244 16.09 1.99 2.65
CA ASP A 244 17.19 2.24 1.71
C ASP A 244 16.65 2.29 0.28
N ARG A 245 15.74 1.40 -0.06
CA ARG A 245 15.18 1.44 -1.41
C ARG A 245 14.31 2.67 -1.61
N MET A 246 13.43 2.98 -0.65
CA MET A 246 12.63 4.19 -0.72
C MET A 246 13.48 5.44 -1.04
N LEU A 247 14.49 5.67 -0.21
CA LEU A 247 15.33 6.86 -0.38
C LEU A 247 16.02 6.87 -1.72
N SER A 248 16.37 5.70 -2.26
CA SER A 248 16.96 5.64 -3.59
C SER A 248 15.97 6.04 -4.69
N GLN A 249 14.67 6.02 -4.40
CA GLN A 249 13.67 6.36 -5.41
C GLN A 249 13.07 7.76 -5.28
N VAL A 250 13.57 8.61 -4.38
CA VAL A 250 12.99 9.96 -4.27
C VAL A 250 13.22 10.71 -5.59
N LYS A 251 12.30 11.64 -5.88
CA LYS A 251 12.31 12.34 -7.18
C LYS A 251 12.24 13.86 -7.03
N THR A 252 12.31 14.39 -5.82
CA THR A 252 12.20 15.81 -5.53
C THR A 252 13.34 16.22 -4.60
N PRO A 253 13.62 17.51 -4.50
CA PRO A 253 14.52 17.98 -3.44
C PRO A 253 14.00 17.52 -2.08
N ILE A 254 14.94 17.25 -1.19
CA ILE A 254 14.65 16.79 0.17
C ILE A 254 15.41 17.69 1.13
N LEU A 255 14.74 18.17 2.18
CA LEU A 255 15.41 18.78 3.33
C LEU A 255 15.27 17.84 4.53
N ILE A 256 16.42 17.46 5.09
CA ILE A 256 16.50 16.63 6.29
C ILE A 256 16.92 17.52 7.44
N THR A 257 16.05 17.66 8.44
CA THR A 257 16.45 18.24 9.72
C THR A 257 16.69 17.11 10.71
N HIS A 258 17.78 17.23 11.47
CA HIS A 258 18.24 16.19 12.39
C HIS A 258 18.34 16.84 13.77
N HIS A 259 17.44 16.50 14.68
CA HIS A 259 17.37 17.22 15.95
C HIS A 259 18.23 16.48 16.97
N ALA A 260 17.84 16.46 18.24
CA ALA A 260 18.67 15.84 19.26
C ALA A 260 18.81 14.34 19.02
N ARG A 261 20.00 13.82 19.30
CA ARG A 261 20.20 12.38 19.31
C ARG A 261 21.43 12.09 20.18
N THR A 262 21.35 11.00 20.93
CA THR A 262 22.53 10.49 21.60
C THR A 262 22.38 8.97 21.66
N ILE A 263 23.51 8.30 21.80
CA ILE A 263 23.51 6.84 21.91
C ILE A 263 23.96 6.52 23.31
N ASP A 264 23.13 5.81 24.06
CA ASP A 264 23.50 5.57 25.46
C ASP A 264 24.76 4.72 25.54
N PRO A 265 25.74 5.08 26.37
CA PRO A 265 27.00 4.32 26.41
C PRO A 265 26.87 2.98 27.09
N GLU A 266 25.81 2.74 27.85
CA GLU A 266 25.62 1.53 28.62
C GLU A 266 24.74 0.52 27.88
N THR A 267 23.61 0.95 27.33
CA THR A 267 22.75 0.05 26.58
C THR A 267 22.93 0.15 25.07
N GLY A 268 23.57 1.20 24.58
CA GLY A 268 23.64 1.41 23.15
C GLY A 268 22.37 1.92 22.52
N GLU A 269 21.33 2.19 23.31
CA GLU A 269 20.07 2.65 22.76
C GLU A 269 20.22 4.00 22.06
N LEU A 270 19.47 4.16 20.98
CA LEU A 270 19.33 5.45 20.33
C LEU A 270 18.20 6.22 21.01
N LEU A 271 18.55 7.36 21.56
CA LEU A 271 17.61 8.30 22.14
C LEU A 271 17.51 9.41 21.10
N GLY A 272 16.37 9.48 20.42
CA GLY A 272 16.20 10.36 19.30
C GLY A 272 15.62 9.61 18.12
N ALA A 273 15.50 10.34 17.00
CA ALA A 273 14.84 9.79 15.81
C ALA A 273 15.80 8.95 14.98
N LEU A 274 17.01 9.43 14.75
CA LEU A 274 17.97 8.65 13.98
C LEU A 274 19.39 9.06 14.39
N SER A 275 20.32 8.16 14.16
CA SER A 275 21.71 8.40 14.53
C SER A 275 22.45 9.20 13.45
N ASP A 276 23.63 9.69 13.81
CA ASP A 276 24.50 10.34 12.83
C ASP A 276 24.82 9.39 11.68
N LEU A 277 25.10 8.13 11.99
CA LEU A 277 25.40 7.17 10.93
C LEU A 277 24.21 7.00 9.99
N GLN A 278 23.00 6.90 10.56
CA GLN A 278 21.80 6.74 9.76
C GLN A 278 21.51 7.98 8.93
N ALA A 279 21.73 9.18 9.49
CA ALA A 279 21.51 10.39 8.70
C ALA A 279 22.52 10.50 7.56
N GLU A 280 23.76 10.10 7.81
CA GLU A 280 24.78 10.16 6.77
C GLU A 280 24.43 9.23 5.61
N HIS A 281 23.99 8.00 5.89
CA HIS A 281 23.59 7.12 4.79
C HIS A 281 22.33 7.61 4.08
N ALA A 282 21.37 8.15 4.82
CA ALA A 282 20.18 8.71 4.15
C ALA A 282 20.58 9.78 3.16
N GLN A 283 21.49 10.69 3.57
CA GLN A 283 21.95 11.71 2.65
C GLN A 283 22.63 11.10 1.44
N ASP A 284 23.58 10.19 1.71
CA ASP A 284 24.31 9.51 0.64
C ASP A 284 23.38 8.88 -0.37
N ILE A 285 22.35 8.18 0.12
CA ILE A 285 21.45 7.49 -0.80
C ILE A 285 20.67 8.49 -1.62
N ILE A 286 20.15 9.55 -0.97
CA ILE A 286 19.37 10.53 -1.73
C ILE A 286 20.23 11.16 -2.78
N ARG A 287 21.43 11.56 -2.37
CA ARG A 287 22.32 12.23 -3.31
C ARG A 287 22.66 11.32 -4.48
N SER A 288 22.80 10.02 -4.24
CA SER A 288 23.05 9.12 -5.35
C SER A 288 21.81 8.88 -6.22
N ALA A 289 20.62 9.27 -5.78
CA ALA A 289 19.46 9.31 -6.65
C ALA A 289 19.47 10.52 -7.57
N GLY A 290 20.45 11.42 -7.39
CA GLY A 290 20.62 12.57 -8.25
C GLY A 290 19.71 13.72 -7.98
N VAL A 291 19.08 13.80 -6.81
CA VAL A 291 18.22 14.92 -6.46
C VAL A 291 18.93 15.79 -5.43
N ARG A 292 18.47 17.03 -5.35
CA ARG A 292 18.93 17.98 -4.35
C ARG A 292 18.59 17.49 -2.95
N VAL A 293 19.58 17.51 -2.06
CA VAL A 293 19.37 17.12 -0.68
C VAL A 293 20.09 18.13 0.20
N ASP A 294 19.39 18.66 1.19
CA ASP A 294 19.98 19.55 2.17
C ASP A 294 19.80 18.93 3.54
N TYR A 295 20.81 19.10 4.37
CA TYR A 295 20.86 18.54 5.72
C TYR A 295 21.18 19.66 6.70
N GLN A 296 20.35 19.80 7.74
CA GLN A 296 20.57 20.72 8.85
C GLN A 296 20.57 19.94 10.17
N SER A 297 21.65 20.05 10.92
CA SER A 297 21.75 19.41 12.23
C SER A 297 21.42 20.45 13.30
N HIS A 298 20.43 20.14 14.13
CA HIS A 298 19.94 21.01 15.20
C HIS A 298 19.98 20.18 16.48
N PRO A 299 21.17 19.94 17.01
CA PRO A 299 21.34 18.90 18.05
C PRO A 299 20.72 19.24 19.37
N ASP A 300 20.32 20.49 19.58
CA ASP A 300 19.62 20.90 20.78
C ASP A 300 18.12 21.05 20.58
N ALA A 301 17.61 20.82 19.36
CA ALA A 301 16.18 20.91 19.12
C ALA A 301 15.45 19.67 19.63
N LEU A 302 14.24 19.88 20.14
CA LEU A 302 13.31 18.83 20.49
C LEU A 302 12.79 18.14 19.24
N HIS A 303 12.30 16.91 19.43
CA HIS A 303 11.91 16.08 18.30
C HIS A 303 10.82 16.77 17.47
N MET A 304 9.79 17.29 18.13
N MET A 304 9.78 17.26 18.14
CA MET A 304 8.70 17.98 17.44
CA MET A 304 8.70 17.99 17.46
C MET A 304 8.94 19.49 17.49
C MET A 304 8.98 19.49 17.52
N MET A 305 9.95 19.91 16.71
CA MET A 305 10.31 21.33 16.69
C MET A 305 9.15 22.19 16.21
N HIS A 306 8.37 21.69 15.24
CA HIS A 306 7.24 22.48 14.73
C HIS A 306 6.25 22.85 15.83
N LEU A 307 6.21 22.08 16.93
CA LEU A 307 5.32 22.34 18.06
C LEU A 307 6.00 23.08 19.20
N PHE A 308 7.25 22.69 19.52
CA PHE A 308 7.94 23.19 20.70
C PHE A 308 8.89 24.33 20.40
N ASP A 309 9.27 24.56 19.14
CA ASP A 309 9.97 25.79 18.74
C ASP A 309 9.38 26.23 17.40
N PRO A 310 8.10 26.64 17.41
CA PRO A 310 7.40 26.91 16.14
C PRO A 310 8.01 28.02 15.30
N ALA A 311 8.51 29.07 15.94
CA ALA A 311 9.12 30.16 15.17
C ALA A 311 10.33 29.66 14.39
N ARG A 312 11.18 28.84 15.02
N ARG A 312 11.18 28.86 15.03
CA ARG A 312 12.37 28.36 14.33
CA ARG A 312 12.37 28.32 14.37
C ARG A 312 11.99 27.43 13.19
C ARG A 312 11.99 27.43 13.20
N TYR A 313 11.02 26.53 13.44
CA TYR A 313 10.60 25.62 12.40
C TYR A 313 10.02 26.36 11.21
N ALA A 314 9.13 27.33 11.47
CA ALA A 314 8.54 28.10 10.37
C ALA A 314 9.63 28.78 9.52
N GLU A 315 10.68 29.32 10.17
CA GLU A 315 11.77 29.96 9.42
C GLU A 315 12.56 28.93 8.61
N ILE A 316 12.86 27.76 9.17
CA ILE A 316 13.54 26.74 8.38
C ILE A 316 12.75 26.43 7.12
N LEU A 317 11.46 26.09 7.29
CA LEU A 317 10.63 25.65 6.17
C LEU A 317 10.47 26.76 5.13
N THR A 318 10.17 27.97 5.61
CA THR A 318 9.89 29.07 4.70
C THR A 318 11.16 29.47 3.94
N SER A 319 12.29 29.57 4.63
CA SER A 319 13.52 29.96 3.95
C SER A 319 13.94 28.92 2.93
N TRP A 320 13.77 27.64 3.27
CA TRP A 320 14.11 26.57 2.33
C TRP A 320 13.17 26.55 1.14
N SER A 321 11.86 26.68 1.40
CA SER A 321 10.89 26.73 0.31
C SER A 321 11.21 27.84 -0.70
N ALA A 322 11.63 29.01 -0.20
CA ALA A 322 11.95 30.12 -1.10
C ALA A 322 13.07 29.79 -2.07
N THR A 323 13.90 28.78 -1.79
CA THR A 323 14.97 28.36 -2.68
C THR A 323 14.53 27.29 -3.68
N LEU A 324 13.28 26.91 -3.65
CA LEU A 324 12.86 25.85 -4.56
C LEU A 324 12.59 26.41 -5.94
N PRO A 325 12.90 25.66 -6.99
CA PRO A 325 12.47 26.06 -8.33
C PRO A 325 10.95 26.14 -8.40
N ALA A 326 10.45 27.11 -9.17
CA ALA A 326 9.02 27.31 -9.40
C ALA A 326 8.32 27.90 -8.17
N ASN A 327 9.09 28.38 -7.18
CA ASN A 327 8.47 29.12 -6.08
C ASN A 327 7.63 30.27 -6.62
N ASP A 328 8.13 30.93 -7.67
CA ASP A 328 7.38 32.02 -8.31
C ASP A 328 6.13 31.51 -9.02
N HIS A 329 6.25 30.42 -9.82
CA HIS A 329 5.08 29.88 -10.49
C HIS A 329 3.94 29.57 -9.52
N HIS A 330 4.26 29.28 -8.27
CA HIS A 330 3.25 28.83 -7.33
C HIS A 330 2.70 29.97 -6.49
N HIS A 331 3.11 31.19 -6.79
CA HIS A 331 2.47 32.41 -6.35
C HIS A 331 1.60 32.95 -7.49
N HIS A 332 0.47 33.55 -7.13
CA HIS A 332 -0.44 34.10 -8.12
C HIS A 332 -0.92 35.47 -7.66
N PRO B 21 15.15 -13.54 -19.03
CA PRO B 21 14.05 -12.73 -18.49
C PRO B 21 14.46 -11.55 -17.60
N ASP B 22 15.60 -11.57 -16.89
CA ASP B 22 16.03 -10.34 -16.20
C ASP B 22 16.56 -9.29 -17.18
N SER B 23 16.54 -9.60 -18.48
CA SER B 23 16.79 -8.61 -19.51
C SER B 23 15.66 -7.60 -19.60
N ARG B 24 14.43 -8.07 -19.40
CA ARG B 24 13.23 -7.28 -19.65
C ARG B 24 13.23 -6.76 -21.08
N ASN B 25 13.61 -7.64 -22.02
CA ASN B 25 13.62 -7.35 -23.45
C ASN B 25 13.16 -8.59 -24.22
N ILE B 26 12.22 -9.35 -23.63
CA ILE B 26 11.83 -10.67 -24.09
C ILE B 26 10.41 -10.67 -24.66
N PHE B 27 9.88 -9.51 -25.02
CA PHE B 27 8.45 -9.43 -25.32
C PHE B 27 8.19 -9.81 -26.77
N VAL B 28 6.93 -10.16 -27.05
CA VAL B 28 6.51 -10.61 -28.38
C VAL B 28 5.34 -9.74 -28.85
N SER B 29 5.02 -9.87 -30.13
CA SER B 29 3.92 -9.14 -30.76
C SER B 29 2.56 -9.62 -30.26
N HIS B 30 1.56 -8.73 -30.33
CA HIS B 30 0.19 -9.07 -29.98
C HIS B 30 -0.78 -8.37 -30.94
N ARG B 31 -2.06 -8.74 -30.83
CA ARG B 31 -3.05 -8.31 -31.80
C ARG B 31 -3.61 -6.92 -31.51
N PHE B 32 -3.44 -6.42 -30.27
CA PHE B 32 -3.88 -5.10 -29.87
C PHE B 32 -2.67 -4.25 -29.51
N PRO B 33 -2.66 -3.00 -29.92
CA PRO B 33 -1.55 -2.12 -29.58
C PRO B 33 -1.40 -1.93 -28.08
N GLU B 34 -0.15 -1.73 -27.66
CA GLU B 34 0.16 -1.57 -26.26
C GLU B 34 0.67 -0.16 -26.01
N ARG B 35 0.36 0.35 -24.81
CA ARG B 35 0.74 1.69 -24.40
C ARG B 35 1.16 1.64 -22.94
N GLN B 36 2.04 2.55 -22.51
CA GLN B 36 2.52 2.57 -21.13
C GLN B 36 2.19 3.93 -20.50
N VAL B 37 1.92 3.94 -19.20
CA VAL B 37 1.60 5.17 -18.48
C VAL B 37 2.35 5.19 -17.15
N ASP B 38 2.93 6.35 -16.85
CA ASP B 38 3.66 6.55 -15.60
C ASP B 38 2.66 6.81 -14.48
N LEU B 39 2.58 5.89 -13.53
CA LEU B 39 1.72 6.05 -12.37
C LEU B 39 2.46 6.70 -11.18
N GLY B 40 3.76 6.92 -11.31
CA GLY B 40 4.56 7.54 -10.25
C GLY B 40 5.69 6.60 -9.89
N GLU B 41 5.39 5.40 -9.41
CA GLU B 41 6.40 4.39 -9.14
C GLU B 41 6.46 3.36 -10.27
N VAL B 42 5.32 2.88 -10.65
CA VAL B 42 5.19 1.84 -11.68
C VAL B 42 4.85 2.53 -12.98
N VAL B 43 5.48 2.10 -14.06
CA VAL B 43 5.02 2.43 -15.40
C VAL B 43 4.18 1.24 -15.84
N MET B 44 2.89 1.47 -16.06
CA MET B 44 1.94 0.41 -16.38
C MET B 44 1.76 0.26 -17.88
N ASN B 45 1.92 -0.96 -18.38
CA ASN B 45 1.64 -1.32 -19.75
C ASN B 45 0.21 -1.81 -19.84
N PHE B 46 -0.43 -1.50 -20.98
CA PHE B 46 -1.79 -1.96 -21.14
C PHE B 46 -2.13 -1.98 -22.62
N ALA B 47 -3.18 -2.75 -22.93
CA ALA B 47 -3.76 -2.83 -24.25
C ALA B 47 -5.22 -2.37 -24.19
N GLU B 48 -5.63 -1.76 -25.28
CA GLU B 48 -6.94 -1.15 -25.42
C GLU B 48 -7.70 -1.85 -26.55
N ALA B 49 -9.00 -2.08 -26.34
CA ALA B 49 -9.86 -2.58 -27.40
C ALA B 49 -11.25 -1.94 -27.25
N GLY B 50 -11.98 -1.95 -28.33
CA GLY B 50 -13.34 -1.48 -28.29
C GLY B 50 -13.43 0.02 -28.46
N SER B 51 -14.66 0.49 -28.49
CA SER B 51 -14.96 1.86 -28.85
C SER B 51 -15.20 2.67 -27.58
N PRO B 52 -14.72 3.91 -27.49
CA PRO B 52 -14.79 4.67 -26.22
C PRO B 52 -16.19 5.19 -25.88
N ASP B 53 -17.16 5.06 -26.76
CA ASP B 53 -18.53 5.35 -26.38
C ASP B 53 -19.14 4.23 -25.55
N ASN B 54 -18.50 3.10 -25.46
CA ASN B 54 -19.10 1.99 -24.72
C ASN B 54 -18.54 1.96 -23.30
N PRO B 55 -19.23 1.28 -22.39
CA PRO B 55 -18.85 1.32 -20.97
C PRO B 55 -17.44 0.79 -20.78
N ALA B 56 -16.73 1.41 -19.84
CA ALA B 56 -15.34 1.04 -19.58
C ALA B 56 -15.26 -0.24 -18.78
N LEU B 57 -14.33 -1.09 -19.19
CA LEU B 57 -14.09 -2.40 -18.60
C LEU B 57 -12.59 -2.54 -18.38
N LEU B 58 -12.22 -2.81 -17.14
CA LEU B 58 -10.82 -3.01 -16.71
C LEU B 58 -10.63 -4.50 -16.48
N LEU B 59 -9.66 -5.10 -17.18
CA LEU B 59 -9.39 -6.54 -17.09
C LEU B 59 -8.05 -6.82 -16.41
N LEU B 60 -8.11 -7.67 -15.37
CA LEU B 60 -6.97 -7.92 -14.49
C LEU B 60 -6.57 -9.38 -14.58
N PRO B 61 -5.36 -9.71 -15.05
CA PRO B 61 -4.97 -11.11 -15.22
C PRO B 61 -4.73 -11.83 -13.90
N GLU B 62 -4.67 -13.15 -14.05
CA GLU B 62 -4.20 -14.07 -13.03
C GLU B 62 -2.71 -13.82 -12.78
N GLN B 63 -2.24 -14.35 -11.65
CA GLN B 63 -0.80 -14.35 -11.40
C GLN B 63 -0.08 -15.15 -12.48
N THR B 64 1.08 -14.65 -12.89
CA THR B 64 1.91 -15.15 -13.99
C THR B 64 1.35 -14.79 -15.35
N GLY B 65 0.20 -14.12 -15.41
CA GLY B 65 -0.43 -13.76 -16.67
C GLY B 65 -0.28 -12.28 -16.96
N SER B 66 0.04 -11.98 -18.19
CA SER B 66 0.13 -10.62 -18.72
C SER B 66 -1.24 -10.22 -19.22
N TRP B 67 -1.38 -8.97 -19.65
CA TRP B 67 -2.68 -8.51 -20.11
C TRP B 67 -3.24 -9.43 -21.19
N TRP B 68 -2.35 -10.00 -22.00
CA TRP B 68 -2.78 -10.77 -23.16
C TRP B 68 -3.26 -12.16 -22.79
N SER B 69 -3.28 -12.49 -21.49
CA SER B 69 -4.16 -13.52 -21.01
C SER B 69 -5.58 -13.28 -21.52
N TYR B 70 -5.94 -12.02 -21.76
CA TYR B 70 -7.27 -11.66 -22.27
C TYR B 70 -7.33 -11.45 -23.76
N GLU B 71 -6.26 -11.69 -24.50
CA GLU B 71 -6.27 -11.32 -25.91
C GLU B 71 -7.33 -12.09 -26.69
N PRO B 72 -7.53 -13.40 -26.50
CA PRO B 72 -8.57 -14.07 -27.28
C PRO B 72 -9.97 -13.56 -26.99
N VAL B 73 -10.26 -13.14 -25.75
CA VAL B 73 -11.62 -12.70 -25.41
C VAL B 73 -11.82 -11.22 -25.65
N MET B 74 -10.75 -10.47 -25.92
CA MET B 74 -10.89 -9.02 -26.01
C MET B 74 -11.73 -8.62 -27.23
N GLY B 75 -11.54 -9.30 -28.35
CA GLY B 75 -12.36 -8.99 -29.53
C GLY B 75 -13.84 -9.14 -29.23
N LEU B 76 -14.21 -10.20 -28.53
CA LEU B 76 -15.62 -10.40 -28.19
C LEU B 76 -16.11 -9.25 -27.30
N LEU B 77 -15.33 -8.91 -26.30
CA LEU B 77 -15.79 -7.88 -25.37
C LEU B 77 -15.76 -6.51 -26.02
N ALA B 78 -14.92 -6.33 -27.04
CA ALA B 78 -14.87 -5.09 -27.80
C ALA B 78 -16.20 -4.72 -28.40
N GLU B 79 -17.08 -5.69 -28.62
CA GLU B 79 -18.38 -5.37 -29.22
C GLU B 79 -19.24 -4.52 -28.29
N ASN B 80 -19.04 -4.61 -26.98
CA ASN B 80 -19.91 -3.96 -26.01
C ASN B 80 -19.21 -3.09 -24.98
N PHE B 81 -17.89 -3.15 -24.89
CA PHE B 81 -17.14 -2.45 -23.85
C PHE B 81 -15.95 -1.71 -24.44
N HIS B 82 -15.54 -0.66 -23.74
CA HIS B 82 -14.23 -0.05 -23.95
C HIS B 82 -13.26 -0.74 -22.99
N VAL B 83 -12.40 -1.60 -23.55
CA VAL B 83 -11.62 -2.55 -22.76
C VAL B 83 -10.21 -2.03 -22.53
N PHE B 84 -9.78 -2.07 -21.27
CA PHE B 84 -8.39 -1.83 -20.88
C PHE B 84 -7.89 -3.09 -20.20
N ALA B 85 -6.91 -3.78 -20.79
CA ALA B 85 -6.31 -4.97 -20.19
C ALA B 85 -4.88 -4.60 -19.78
N VAL B 86 -4.57 -4.78 -18.50
CA VAL B 86 -3.35 -4.24 -17.91
C VAL B 86 -2.38 -5.35 -17.53
N ASP B 87 -1.11 -5.01 -17.63
CA ASP B 87 -0.06 -5.73 -16.94
C ASP B 87 0.04 -5.20 -15.52
N ILE B 88 -0.25 -6.05 -14.52
CA ILE B 88 -0.10 -5.62 -13.13
C ILE B 88 1.40 -5.48 -12.85
N ARG B 89 1.72 -4.65 -11.85
CA ARG B 89 3.14 -4.49 -11.51
C ARG B 89 3.78 -5.86 -11.27
N GLY B 90 5.06 -5.96 -11.64
CA GLY B 90 5.78 -7.22 -11.58
C GLY B 90 5.42 -8.21 -12.68
N GLN B 91 4.74 -7.78 -13.73
CA GLN B 91 4.31 -8.68 -14.80
C GLN B 91 4.32 -7.95 -16.14
N GLY B 92 4.60 -8.69 -17.21
CA GLY B 92 4.54 -8.12 -18.55
C GLY B 92 5.54 -7.00 -18.70
N ARG B 93 5.11 -5.93 -19.35
CA ARG B 93 5.96 -4.78 -19.58
C ARG B 93 5.86 -3.76 -18.45
N SER B 94 5.08 -4.05 -17.42
CA SER B 94 5.02 -3.14 -16.27
C SER B 94 6.21 -3.32 -15.35
N THR B 95 6.54 -2.25 -14.63
CA THR B 95 7.75 -2.25 -13.83
C THR B 95 7.76 -3.41 -12.85
N TRP B 96 8.91 -4.08 -12.75
CA TRP B 96 9.14 -4.99 -11.63
C TRP B 96 9.63 -4.17 -10.46
N THR B 97 9.04 -4.38 -9.28
CA THR B 97 9.40 -3.60 -8.08
C THR B 97 9.80 -4.49 -6.92
N PRO B 98 11.08 -4.83 -6.79
CA PRO B 98 11.50 -5.73 -5.71
C PRO B 98 11.07 -5.23 -4.35
N ARG B 99 10.63 -6.17 -3.53
CA ARG B 99 10.25 -5.99 -2.13
C ARG B 99 8.96 -5.22 -1.93
N ARG B 100 8.23 -4.91 -3.01
CA ARG B 100 7.06 -4.04 -2.92
C ARG B 100 5.76 -4.75 -3.28
N TYR B 101 5.75 -6.07 -3.36
CA TYR B 101 4.59 -6.78 -3.89
C TYR B 101 3.59 -7.03 -2.78
N SER B 102 2.51 -6.26 -2.79
CA SER B 102 1.43 -6.40 -1.85
C SER B 102 0.12 -6.12 -2.58
N LEU B 103 -0.97 -6.72 -2.08
CA LEU B 103 -2.26 -6.42 -2.68
C LEU B 103 -2.52 -4.93 -2.67
N ASP B 104 -2.12 -4.24 -1.60
CA ASP B 104 -2.40 -2.80 -1.53
C ASP B 104 -1.63 -2.03 -2.60
N ASN B 105 -0.39 -2.42 -2.86
CA ASN B 105 0.37 -1.72 -3.90
C ASN B 105 -0.18 -2.09 -5.28
N PHE B 106 -0.54 -3.36 -5.49
CA PHE B 106 -1.19 -3.71 -6.75
C PHE B 106 -2.45 -2.88 -6.94
N GLY B 107 -3.26 -2.78 -5.88
CA GLY B 107 -4.54 -2.11 -5.99
C GLY B 107 -4.40 -0.61 -6.21
N ASN B 108 -3.52 0.02 -5.47
CA ASN B 108 -3.34 1.45 -5.64
C ASN B 108 -2.77 1.80 -7.01
N ASP B 109 -1.97 0.93 -7.59
CA ASP B 109 -1.55 1.17 -8.96
C ASP B 109 -2.76 1.29 -9.88
N LEU B 110 -3.76 0.41 -9.68
CA LEU B 110 -4.94 0.37 -10.54
C LEU B 110 -5.85 1.55 -10.27
N VAL B 111 -5.95 2.01 -9.01
CA VAL B 111 -6.65 3.26 -8.72
C VAL B 111 -6.04 4.40 -9.55
N ARG B 112 -4.70 4.47 -9.56
CA ARG B 112 -4.03 5.51 -10.34
C ARG B 112 -4.29 5.33 -11.83
N PHE B 113 -4.29 4.07 -12.29
CA PHE B 113 -4.56 3.78 -13.69
C PHE B 113 -5.95 4.28 -14.09
N ILE B 114 -6.98 3.98 -13.30
CA ILE B 114 -8.31 4.50 -13.61
C ILE B 114 -8.29 6.03 -13.63
N ALA B 115 -7.63 6.64 -12.64
CA ALA B 115 -7.65 8.09 -12.53
C ALA B 115 -6.88 8.77 -13.64
N LEU B 116 -5.80 8.16 -14.12
CA LEU B 116 -4.92 8.80 -15.11
C LEU B 116 -5.24 8.44 -16.55
N VAL B 117 -5.79 7.25 -16.81
CA VAL B 117 -6.01 6.75 -18.17
C VAL B 117 -7.49 6.68 -18.52
N ILE B 118 -8.30 6.09 -17.65
CA ILE B 118 -9.68 5.81 -18.03
C ILE B 118 -10.56 7.02 -17.78
N LYS B 119 -10.52 7.55 -16.57
CA LYS B 119 -11.22 8.77 -16.17
C LYS B 119 -12.73 8.65 -16.26
N ARG B 120 -13.23 7.43 -16.13
CA ARG B 120 -14.65 7.10 -16.07
C ARG B 120 -14.78 6.00 -15.04
N PRO B 121 -15.99 5.81 -14.48
CA PRO B 121 -16.24 4.59 -13.69
C PRO B 121 -16.08 3.35 -14.56
N VAL B 122 -15.61 2.27 -13.94
CA VAL B 122 -15.36 1.03 -14.67
C VAL B 122 -16.12 -0.13 -14.05
N VAL B 123 -16.46 -1.09 -14.88
CA VAL B 123 -16.61 -2.46 -14.42
C VAL B 123 -15.21 -3.06 -14.40
N VAL B 124 -14.85 -3.72 -13.30
CA VAL B 124 -13.56 -4.38 -13.20
C VAL B 124 -13.78 -5.88 -13.07
N ALA B 125 -13.05 -6.65 -13.87
CA ALA B 125 -13.14 -8.11 -13.91
C ALA B 125 -11.74 -8.67 -13.77
N GLY B 126 -11.56 -9.58 -12.82
CA GLY B 126 -10.23 -10.13 -12.56
C GLY B 126 -10.28 -11.60 -12.30
N ASN B 127 -9.27 -12.32 -12.79
CA ASN B 127 -9.12 -13.77 -12.62
C ASN B 127 -8.14 -14.05 -11.49
N SER B 128 -8.55 -14.89 -10.54
CA SER B 128 -7.59 -15.42 -9.59
C SER B 128 -7.07 -14.29 -8.72
N SER B 129 -5.75 -14.07 -8.60
CA SER B 129 -5.31 -12.90 -7.84
C SER B 129 -5.86 -11.61 -8.41
N GLY B 130 -6.08 -11.55 -9.73
CA GLY B 130 -6.74 -10.38 -10.31
C GLY B 130 -8.16 -10.22 -9.81
N GLY B 131 -8.85 -11.33 -9.52
CA GLY B 131 -10.14 -11.28 -8.88
C GLY B 131 -10.07 -10.82 -7.44
N LEU B 132 -9.01 -11.18 -6.73
CA LEU B 132 -8.80 -10.55 -5.43
C LEU B 132 -8.76 -9.03 -5.58
N LEU B 133 -8.09 -8.54 -6.61
CA LEU B 133 -7.89 -7.09 -6.78
C LEU B 133 -9.16 -6.40 -7.26
N ALA B 134 -9.96 -7.11 -8.04
CA ALA B 134 -11.27 -6.61 -8.38
C ALA B 134 -12.10 -6.36 -7.13
N ALA B 135 -12.07 -7.29 -6.17
CA ALA B 135 -12.72 -7.06 -4.88
C ALA B 135 -12.01 -5.95 -4.10
N TRP B 136 -10.68 -5.96 -4.13
CA TRP B 136 -9.92 -4.91 -3.45
C TRP B 136 -10.42 -3.54 -3.93
N LEU B 137 -10.58 -3.37 -5.25
CA LEU B 137 -11.02 -2.08 -5.78
C LEU B 137 -12.44 -1.74 -5.33
N SER B 138 -13.34 -2.74 -5.33
CA SER B 138 -14.70 -2.49 -4.88
C SER B 138 -14.69 -1.90 -3.48
N ALA B 139 -13.79 -2.38 -2.61
CA ALA B 139 -13.75 -1.92 -1.23
C ALA B 139 -12.95 -0.61 -1.07
N TYR B 140 -11.83 -0.51 -1.74
CA TYR B 140 -10.80 0.46 -1.37
C TYR B 140 -10.42 1.46 -2.45
N ALA B 141 -11.04 1.42 -3.62
CA ALA B 141 -10.74 2.41 -4.64
C ALA B 141 -11.24 3.79 -4.19
N MET B 142 -10.97 4.80 -5.03
CA MET B 142 -11.40 6.15 -4.80
C MET B 142 -12.89 6.22 -5.09
N PRO B 143 -13.64 7.09 -4.42
CA PRO B 143 -15.11 7.03 -4.59
C PRO B 143 -15.52 7.22 -6.05
N GLY B 144 -16.52 6.44 -6.44
CA GLY B 144 -17.07 6.46 -7.78
C GLY B 144 -16.27 5.71 -8.83
N GLN B 145 -15.08 5.21 -8.52
CA GLN B 145 -14.25 4.65 -9.58
C GLN B 145 -14.79 3.34 -10.11
N ILE B 146 -15.46 2.56 -9.25
CA ILE B 146 -15.84 1.18 -9.54
C ILE B 146 -17.36 1.07 -9.57
N ARG B 147 -17.90 0.66 -10.72
CA ARG B 147 -19.32 0.35 -10.81
C ARG B 147 -19.64 -1.01 -10.17
N ALA B 148 -18.78 -2.00 -10.37
CA ALA B 148 -19.07 -3.38 -10.02
C ALA B 148 -17.82 -4.20 -10.26
N ALA B 149 -17.75 -5.36 -9.61
CA ALA B 149 -16.58 -6.21 -9.74
C ALA B 149 -16.99 -7.65 -10.06
N LEU B 150 -16.32 -8.22 -11.04
CA LEU B 150 -16.43 -9.64 -11.39
C LEU B 150 -15.14 -10.31 -10.92
N CYS B 151 -15.28 -11.28 -10.00
CA CYS B 151 -14.19 -12.04 -9.41
C CYS B 151 -14.25 -13.43 -10.04
N GLU B 152 -13.39 -13.64 -11.04
CA GLU B 152 -13.41 -14.87 -11.82
C GLU B 152 -12.53 -15.90 -11.09
N ASP B 153 -13.16 -16.83 -10.37
CA ASP B 153 -12.45 -17.92 -9.68
C ASP B 153 -11.29 -17.35 -8.84
N ALA B 154 -11.65 -16.45 -7.94
CA ALA B 154 -10.69 -15.78 -7.09
C ALA B 154 -10.42 -16.59 -5.84
N PRO B 155 -9.16 -16.76 -5.44
CA PRO B 155 -8.84 -17.62 -4.30
C PRO B 155 -9.02 -16.88 -2.97
N PHE B 156 -10.24 -16.43 -2.72
CA PHE B 156 -10.56 -15.87 -1.42
C PHE B 156 -10.24 -16.89 -0.35
N PHE B 157 -9.55 -16.44 0.68
CA PHE B 157 -9.10 -17.26 1.82
C PHE B 157 -7.99 -18.22 1.45
N ALA B 158 -8.15 -18.99 0.36
CA ALA B 158 -7.17 -20.02 0.05
C ALA B 158 -5.83 -19.47 -0.43
N SER B 159 -5.76 -18.19 -0.77
CA SER B 159 -4.49 -17.55 -1.07
C SER B 159 -3.90 -16.80 0.12
N GLU B 160 -4.45 -16.96 1.33
CA GLU B 160 -3.89 -16.34 2.53
C GLU B 160 -3.06 -17.37 3.29
N LEU B 161 -2.14 -16.87 4.12
CA LEU B 161 -1.35 -17.78 4.95
C LEU B 161 -2.17 -18.33 6.11
N VAL B 162 -3.00 -17.50 6.72
CA VAL B 162 -3.84 -17.94 7.83
C VAL B 162 -5.25 -17.42 7.60
N PRO B 163 -5.99 -18.04 6.68
CA PRO B 163 -7.32 -17.55 6.35
C PRO B 163 -8.30 -17.73 7.50
N ALA B 164 -9.33 -16.89 7.49
CA ALA B 164 -10.38 -17.07 8.47
C ALA B 164 -11.06 -18.42 8.31
N TYR B 165 -11.08 -18.95 7.10
CA TYR B 165 -11.85 -20.17 6.78
C TYR B 165 -11.09 -21.05 5.79
N GLY B 166 -11.13 -22.36 6.05
CA GLY B 166 -10.70 -23.32 5.05
C GLY B 166 -9.18 -23.42 4.86
N HIS B 167 -8.84 -23.99 3.70
CA HIS B 167 -7.46 -24.27 3.30
C HIS B 167 -6.66 -22.98 3.19
N SER B 168 -5.41 -23.03 3.65
CA SER B 168 -4.46 -21.96 3.44
C SER B 168 -3.74 -22.14 2.11
N VAL B 169 -2.95 -21.12 1.75
CA VAL B 169 -2.14 -21.20 0.54
C VAL B 169 -1.18 -22.37 0.63
N LEU B 170 -0.73 -22.72 1.83
CA LEU B 170 0.21 -23.83 1.98
C LEU B 170 -0.44 -25.16 1.58
N GLN B 171 -1.75 -25.25 1.69
CA GLN B 171 -2.51 -26.46 1.44
C GLN B 171 -3.28 -26.40 0.13
N ALA B 172 -2.92 -25.46 -0.76
CA ALA B 172 -3.57 -25.32 -2.07
C ALA B 172 -2.54 -24.96 -3.14
N ALA B 173 -2.43 -23.69 -3.57
CA ALA B 173 -1.50 -23.38 -4.66
C ALA B 173 -0.07 -23.14 -4.21
N GLY B 174 0.16 -23.03 -2.90
CA GLY B 174 1.47 -22.70 -2.36
C GLY B 174 2.62 -23.46 -2.96
N PRO B 175 2.52 -24.79 -3.08
CA PRO B 175 3.72 -25.54 -3.51
C PRO B 175 4.31 -25.02 -4.81
N ALA B 176 3.47 -24.55 -5.74
CA ALA B 176 4.00 -24.05 -7.01
C ALA B 176 4.74 -22.74 -6.80
N PHE B 177 4.19 -21.86 -5.97
CA PHE B 177 4.84 -20.57 -5.68
C PHE B 177 6.18 -20.78 -4.98
N GLU B 178 6.25 -21.76 -4.07
CA GLU B 178 7.51 -22.13 -3.45
C GLU B 178 8.54 -22.50 -4.49
N LEU B 179 8.15 -23.27 -5.52
CA LEU B 179 9.13 -23.70 -6.50
C LEU B 179 9.54 -22.53 -7.41
N TYR B 180 8.60 -21.62 -7.74
CA TYR B 180 8.95 -20.39 -8.45
C TYR B 180 10.03 -19.63 -7.68
N ARG B 181 9.83 -19.47 -6.38
CA ARG B 181 10.79 -18.78 -5.54
C ARG B 181 12.13 -19.50 -5.53
N ASP B 182 12.09 -20.81 -5.28
CA ASP B 182 13.33 -21.55 -5.01
C ASP B 182 14.16 -21.75 -6.27
N PHE B 183 13.53 -21.82 -7.43
CA PHE B 183 14.27 -22.15 -8.66
C PHE B 183 14.32 -21.01 -9.66
N LEU B 184 13.31 -20.16 -9.71
CA LEU B 184 13.34 -19.00 -10.61
C LEU B 184 13.88 -17.77 -9.89
N GLY B 185 13.49 -17.56 -8.64
CA GLY B 185 14.07 -16.50 -7.82
C GLY B 185 13.49 -15.12 -8.09
N ASP B 186 13.71 -14.22 -7.13
CA ASP B 186 13.26 -12.84 -7.26
C ASP B 186 13.83 -12.25 -8.55
N GLN B 187 12.96 -11.62 -9.35
CA GLN B 187 13.37 -10.98 -10.62
C GLN B 187 14.19 -11.94 -11.49
N TRP B 188 13.88 -13.23 -11.43
CA TRP B 188 14.54 -14.26 -12.23
C TRP B 188 16.05 -14.28 -11.98
N SER B 189 16.44 -13.94 -10.74
CA SER B 189 17.85 -13.93 -10.36
C SER B 189 18.48 -15.33 -10.35
N ILE B 190 17.69 -16.40 -10.22
CA ILE B 190 18.22 -17.77 -10.27
C ILE B 190 18.01 -18.40 -11.64
N GLY B 191 16.78 -18.39 -12.15
CA GLY B 191 16.55 -18.78 -13.52
C GLY B 191 16.76 -20.23 -13.88
N ASP B 192 16.66 -21.14 -12.91
CA ASP B 192 16.88 -22.56 -13.15
C ASP B 192 15.56 -23.20 -13.59
N TRP B 193 15.20 -22.97 -14.86
CA TRP B 193 13.93 -23.50 -15.35
C TRP B 193 13.95 -25.02 -15.36
N LYS B 194 15.06 -25.62 -15.76
CA LYS B 194 15.10 -27.08 -15.78
C LYS B 194 14.97 -27.66 -14.37
N GLY B 195 15.65 -27.06 -13.40
CA GLY B 195 15.48 -27.50 -12.03
C GLY B 195 14.06 -27.31 -11.53
N PHE B 196 13.42 -26.21 -11.91
CA PHE B 196 12.02 -26.01 -11.56
C PHE B 196 11.16 -27.15 -12.10
N VAL B 197 11.31 -27.45 -13.40
CA VAL B 197 10.50 -28.50 -14.02
C VAL B 197 10.76 -29.86 -13.38
N GLU B 198 12.02 -30.18 -13.07
CA GLU B 198 12.28 -31.49 -12.45
C GLU B 198 11.74 -31.53 -11.03
N ALA B 199 11.82 -30.40 -10.30
CA ALA B 199 11.23 -30.35 -8.97
C ALA B 199 9.71 -30.41 -9.03
N ALA B 200 9.10 -29.75 -10.02
CA ALA B 200 7.64 -29.78 -10.12
C ALA B 200 7.15 -31.19 -10.42
N LYS B 201 7.83 -31.89 -11.33
CA LYS B 201 7.42 -33.23 -11.70
C LYS B 201 7.60 -34.20 -10.56
N ALA B 202 8.62 -33.98 -9.74
CA ALA B 202 8.88 -34.80 -8.56
C ALA B 202 8.06 -34.41 -7.35
N SER B 203 7.32 -33.31 -7.38
CA SER B 203 6.65 -32.85 -6.18
C SER B 203 5.57 -33.85 -5.74
N PRO B 204 5.38 -34.04 -4.44
CA PRO B 204 4.27 -34.87 -3.97
C PRO B 204 2.97 -34.10 -3.77
N ALA B 205 2.98 -32.80 -4.08
CA ALA B 205 1.76 -32.00 -4.06
C ALA B 205 0.95 -32.28 -5.32
N LYS B 206 -0.29 -32.75 -5.13
CA LYS B 206 -1.16 -33.01 -6.27
C LYS B 206 -1.53 -31.74 -7.01
N ALA B 207 -1.62 -30.62 -6.29
CA ALA B 207 -1.93 -29.35 -6.95
C ALA B 207 -0.89 -28.95 -7.98
N MET B 208 0.31 -29.55 -7.92
N MET B 208 0.32 -29.53 -7.91
CA MET B 208 1.34 -29.18 -8.89
CA MET B 208 1.35 -29.19 -8.88
C MET B 208 0.93 -29.54 -10.31
C MET B 208 0.92 -29.54 -10.31
N GLN B 209 -0.02 -30.46 -10.45
CA GLN B 209 -0.44 -30.94 -11.76
C GLN B 209 -1.21 -29.88 -12.54
N LEU B 210 -1.69 -28.84 -11.84
CA LEU B 210 -2.41 -27.73 -12.44
C LEU B 210 -1.48 -26.64 -13.00
N PHE B 211 -0.14 -26.80 -12.86
CA PHE B 211 0.80 -25.79 -13.34
C PHE B 211 1.61 -26.30 -14.54
N PRO B 212 1.83 -25.48 -15.58
CA PRO B 212 2.56 -25.96 -16.76
C PRO B 212 4.02 -26.22 -16.44
N THR B 213 4.57 -27.28 -17.02
CA THR B 213 5.99 -27.57 -16.93
C THR B 213 6.56 -27.92 -18.30
N PRO B 214 6.38 -27.04 -19.29
CA PRO B 214 6.95 -27.28 -20.62
C PRO B 214 8.48 -27.37 -20.57
N ASP B 215 9.03 -27.82 -21.68
CA ASP B 215 10.46 -28.05 -21.75
C ASP B 215 11.22 -26.76 -21.60
N GLU B 216 10.65 -25.66 -22.08
CA GLU B 216 11.25 -24.33 -21.99
C GLU B 216 10.24 -23.40 -21.35
N ALA B 217 10.75 -22.40 -20.67
CA ALA B 217 9.87 -21.52 -19.92
C ALA B 217 8.89 -20.82 -20.87
N PRO B 218 7.59 -20.84 -20.57
CA PRO B 218 6.63 -20.20 -21.48
C PRO B 218 6.69 -18.68 -21.38
N GLN B 219 6.20 -18.04 -22.45
CA GLN B 219 6.30 -16.60 -22.59
C GLN B 219 5.72 -15.87 -21.39
N ASN B 220 4.58 -16.32 -20.86
CA ASN B 220 3.96 -15.59 -19.75
C ASN B 220 4.85 -15.63 -18.51
N LEU B 221 5.57 -16.73 -18.33
CA LEU B 221 6.44 -16.84 -17.17
C LEU B 221 7.71 -16.01 -17.35
N LYS B 222 8.20 -15.87 -18.57
CA LYS B 222 9.34 -14.99 -18.79
C LYS B 222 9.00 -13.54 -18.51
N GLU B 223 7.72 -13.18 -18.57
CA GLU B 223 7.30 -11.82 -18.26
C GLU B 223 6.95 -11.64 -16.78
N TYR B 224 7.11 -12.69 -15.96
CA TYR B 224 6.62 -12.76 -14.58
C TYR B 224 7.77 -12.59 -13.60
N ASP B 225 7.59 -11.74 -12.60
CA ASP B 225 8.57 -11.60 -11.53
C ASP B 225 8.24 -12.62 -10.46
N PRO B 226 9.08 -13.65 -10.25
CA PRO B 226 8.72 -14.71 -9.31
C PRO B 226 8.66 -14.25 -7.85
N GLU B 227 9.08 -13.01 -7.54
CA GLU B 227 8.87 -12.54 -6.17
C GLU B 227 7.38 -12.45 -5.86
N TRP B 228 6.53 -12.37 -6.88
CA TRP B 228 5.10 -12.54 -6.68
C TRP B 228 4.82 -13.85 -5.94
N GLY B 229 5.43 -14.93 -6.43
CA GLY B 229 5.22 -16.22 -5.85
C GLY B 229 5.75 -16.31 -4.42
N ARG B 230 6.92 -15.75 -4.19
CA ARG B 230 7.42 -15.64 -2.83
C ARG B 230 6.39 -14.96 -1.93
N ALA B 231 5.86 -13.81 -2.36
CA ALA B 231 4.98 -13.04 -1.50
C ALA B 231 3.72 -13.83 -1.15
N PHE B 232 3.20 -14.62 -2.09
CA PHE B 232 2.03 -15.43 -1.75
C PHE B 232 2.41 -16.57 -0.80
N PHE B 233 3.51 -17.25 -1.07
CA PHE B 233 3.88 -18.43 -0.28
C PHE B 233 4.29 -18.05 1.14
N GLU B 234 4.93 -16.89 1.31
CA GLU B 234 5.41 -16.43 2.60
C GLU B 234 4.37 -15.61 3.38
N GLY B 235 3.21 -15.35 2.77
CA GLY B 235 2.12 -14.66 3.43
C GLY B 235 2.41 -13.20 3.64
N THR B 236 3.22 -12.61 2.77
CA THR B 236 3.47 -11.17 2.87
C THR B 236 2.57 -10.37 1.95
N VAL B 237 2.06 -11.00 0.88
CA VAL B 237 1.35 -10.23 -0.15
C VAL B 237 0.06 -9.63 0.40
N ALA B 238 -0.63 -10.39 1.25
CA ALA B 238 -1.91 -9.96 1.82
C ALA B 238 -1.85 -9.79 3.35
N LEU B 239 -0.64 -9.65 3.91
CA LEU B 239 -0.53 -9.41 5.34
C LEU B 239 -1.41 -8.27 5.82
N HIS B 240 -1.48 -7.20 5.03
CA HIS B 240 -2.23 -6.00 5.40
C HIS B 240 -3.63 -5.98 4.78
N CYS B 241 -4.05 -7.07 4.17
CA CYS B 241 -5.35 -7.13 3.49
C CYS B 241 -6.03 -8.46 3.84
N PRO B 242 -6.37 -8.66 5.12
CA PRO B 242 -7.11 -9.88 5.48
C PRO B 242 -8.39 -9.95 4.65
N HIS B 243 -8.68 -11.15 4.13
CA HIS B 243 -9.75 -11.23 3.14
C HIS B 243 -11.12 -11.07 3.76
N ASP B 244 -11.32 -11.54 5.00
CA ASP B 244 -12.62 -11.40 5.61
C ASP B 244 -12.97 -9.91 5.79
N ARG B 245 -11.98 -9.11 6.20
CA ARG B 245 -12.21 -7.68 6.35
C ARG B 245 -12.39 -7.00 5.01
N MET B 246 -11.59 -7.38 4.00
CA MET B 246 -11.73 -6.78 2.68
C MET B 246 -13.14 -7.00 2.13
N LEU B 247 -13.61 -8.24 2.19
CA LEU B 247 -14.92 -8.53 1.65
C LEU B 247 -16.01 -7.82 2.44
N SER B 248 -15.82 -7.61 3.73
CA SER B 248 -16.81 -6.86 4.48
C SER B 248 -16.86 -5.39 4.09
N GLN B 249 -15.85 -4.90 3.36
CA GLN B 249 -15.76 -3.48 3.00
C GLN B 249 -16.16 -3.19 1.55
N VAL B 250 -16.65 -4.18 0.79
CA VAL B 250 -16.92 -3.92 -0.61
C VAL B 250 -18.11 -2.98 -0.70
N LYS B 251 -18.17 -2.19 -1.77
CA LYS B 251 -19.15 -1.12 -1.87
C LYS B 251 -19.92 -1.12 -3.18
N THR B 252 -19.73 -2.13 -4.00
CA THR B 252 -20.36 -2.29 -5.29
C THR B 252 -20.92 -3.70 -5.41
N PRO B 253 -21.81 -3.92 -6.36
CA PRO B 253 -22.21 -5.30 -6.72
C PRO B 253 -20.98 -6.14 -7.07
N ILE B 254 -21.02 -7.41 -6.67
CA ILE B 254 -19.96 -8.38 -6.91
C ILE B 254 -20.57 -9.58 -7.64
N LEU B 255 -19.87 -10.09 -8.66
CA LEU B 255 -20.14 -11.39 -9.24
C LEU B 255 -18.98 -12.31 -8.93
N ILE B 256 -19.27 -13.43 -8.26
CA ILE B 256 -18.29 -14.49 -8.00
C ILE B 256 -18.59 -15.65 -8.95
N THR B 257 -17.62 -16.00 -9.78
CA THR B 257 -17.69 -17.27 -10.50
C THR B 257 -16.76 -18.23 -9.79
N HIS B 258 -17.16 -19.49 -9.77
CA HIS B 258 -16.52 -20.54 -8.99
C HIS B 258 -16.33 -21.71 -9.94
N HIS B 259 -15.10 -21.94 -10.38
CA HIS B 259 -14.89 -22.95 -11.41
C HIS B 259 -14.51 -24.28 -10.77
N ALA B 260 -13.66 -25.07 -11.43
CA ALA B 260 -13.35 -26.41 -10.93
C ALA B 260 -12.74 -26.31 -9.55
N ARG B 261 -13.04 -27.30 -8.69
CA ARG B 261 -12.39 -27.42 -7.38
C ARG B 261 -12.67 -28.81 -6.83
N THR B 262 -11.65 -29.45 -6.30
CA THR B 262 -11.83 -30.75 -5.66
C THR B 262 -10.90 -30.79 -4.45
N ILE B 263 -11.19 -31.74 -3.57
CA ILE B 263 -10.33 -32.03 -2.42
C ILE B 263 -9.66 -33.35 -2.70
N ASP B 264 -8.35 -33.34 -2.68
CA ASP B 264 -7.64 -34.54 -3.07
C ASP B 264 -7.86 -35.64 -2.04
N PRO B 265 -8.20 -36.86 -2.45
CA PRO B 265 -8.50 -37.93 -1.49
C PRO B 265 -7.28 -38.51 -0.79
N GLU B 266 -6.06 -38.19 -1.20
CA GLU B 266 -4.86 -38.74 -0.55
C GLU B 266 -4.09 -37.74 0.29
N THR B 267 -4.11 -36.45 -0.08
CA THR B 267 -3.37 -35.41 0.62
C THR B 267 -4.27 -34.41 1.32
N GLY B 268 -5.56 -34.36 0.99
CA GLY B 268 -6.41 -33.32 1.51
C GLY B 268 -6.22 -31.95 0.91
N GLU B 269 -5.33 -31.79 -0.08
CA GLU B 269 -5.08 -30.50 -0.71
C GLU B 269 -6.32 -29.98 -1.44
N LEU B 270 -6.45 -28.66 -1.47
CA LEU B 270 -7.43 -28.00 -2.34
C LEU B 270 -6.85 -27.88 -3.73
N LEU B 271 -7.57 -28.39 -4.72
CA LEU B 271 -7.19 -28.29 -6.13
C LEU B 271 -8.21 -27.38 -6.80
N GLY B 272 -7.80 -26.17 -7.13
CA GLY B 272 -8.68 -25.12 -7.59
C GLY B 272 -8.43 -23.86 -6.82
N ALA B 273 -9.32 -22.89 -7.00
CA ALA B 273 -9.09 -21.56 -6.44
C ALA B 273 -9.58 -21.45 -5.00
N LEU B 274 -10.74 -22.01 -4.70
CA LEU B 274 -11.27 -21.92 -3.34
C LEU B 274 -12.30 -23.02 -3.21
N SER B 275 -12.52 -23.45 -1.96
CA SER B 275 -13.42 -24.54 -1.66
C SER B 275 -14.85 -24.01 -1.57
N ASP B 276 -15.81 -24.94 -1.58
CA ASP B 276 -17.21 -24.53 -1.41
C ASP B 276 -17.39 -23.75 -0.11
N LEU B 277 -16.76 -24.20 0.97
CA LEU B 277 -16.90 -23.49 2.25
C LEU B 277 -16.36 -22.08 2.14
N GLN B 278 -15.22 -21.94 1.49
CA GLN B 278 -14.65 -20.60 1.34
C GLN B 278 -15.55 -19.70 0.52
N ALA B 279 -16.15 -20.25 -0.53
CA ALA B 279 -17.05 -19.48 -1.38
C ALA B 279 -18.31 -19.09 -0.62
N GLU B 280 -18.83 -19.99 0.19
CA GLU B 280 -20.02 -19.70 0.99
C GLU B 280 -19.74 -18.54 1.96
N HIS B 281 -18.60 -18.55 2.66
CA HIS B 281 -18.32 -17.45 3.59
C HIS B 281 -18.07 -16.13 2.85
N ALA B 282 -17.41 -16.18 1.71
CA ALA B 282 -17.22 -14.96 0.92
C ALA B 282 -18.56 -14.35 0.54
N GLN B 283 -19.52 -15.18 0.10
CA GLN B 283 -20.84 -14.64 -0.23
C GLN B 283 -21.49 -14.03 1.01
N ASP B 284 -21.46 -14.79 2.10
CA ASP B 284 -22.08 -14.36 3.35
C ASP B 284 -21.55 -13.01 3.81
N ILE B 285 -20.23 -12.84 3.78
CA ILE B 285 -19.64 -11.58 4.21
C ILE B 285 -20.06 -10.43 3.32
N ILE B 286 -19.98 -10.62 2.01
CA ILE B 286 -20.40 -9.57 1.09
C ILE B 286 -21.87 -9.22 1.32
N ARG B 287 -22.72 -10.25 1.41
CA ARG B 287 -24.15 -10.03 1.66
C ARG B 287 -24.35 -9.27 2.96
N SER B 288 -23.55 -9.58 3.99
CA SER B 288 -23.72 -8.87 5.26
C SER B 288 -23.29 -7.41 5.17
N ALA B 289 -22.42 -7.07 4.23
CA ALA B 289 -22.10 -5.68 3.95
C ALA B 289 -23.24 -4.96 3.22
N GLY B 290 -24.27 -5.66 2.81
CA GLY B 290 -25.43 -5.04 2.20
C GLY B 290 -25.29 -4.65 0.75
N VAL B 291 -24.37 -5.26 0.04
CA VAL B 291 -24.19 -4.99 -1.37
C VAL B 291 -24.68 -6.22 -2.11
N ARG B 292 -25.13 -5.99 -3.33
CA ARG B 292 -25.57 -7.06 -4.20
C ARG B 292 -24.42 -8.03 -4.46
N VAL B 293 -24.69 -9.33 -4.31
CA VAL B 293 -23.72 -10.37 -4.65
C VAL B 293 -24.42 -11.49 -5.43
N ASP B 294 -23.81 -11.88 -6.54
CA ASP B 294 -24.27 -13.01 -7.33
C ASP B 294 -23.15 -14.03 -7.40
N TYR B 295 -23.54 -15.30 -7.35
CA TYR B 295 -22.61 -16.41 -7.34
C TYR B 295 -23.01 -17.36 -8.46
N GLN B 296 -22.04 -17.76 -9.27
CA GLN B 296 -22.25 -18.78 -10.29
C GLN B 296 -21.21 -19.87 -10.12
N SER B 297 -21.67 -21.10 -9.89
CA SER B 297 -20.80 -22.26 -9.86
C SER B 297 -20.73 -22.89 -11.25
N HIS B 298 -19.53 -22.99 -11.79
CA HIS B 298 -19.26 -23.61 -13.08
C HIS B 298 -18.20 -24.68 -12.83
N PRO B 299 -18.58 -25.77 -12.18
CA PRO B 299 -17.59 -26.73 -11.65
C PRO B 299 -16.82 -27.48 -12.71
N ASP B 300 -17.28 -27.49 -13.97
CA ASP B 300 -16.52 -28.09 -15.06
C ASP B 300 -15.69 -27.08 -15.83
N ALA B 301 -15.71 -25.81 -15.45
CA ALA B 301 -14.89 -24.83 -16.16
C ALA B 301 -13.46 -24.86 -15.64
N LEU B 302 -12.54 -24.54 -16.54
CA LEU B 302 -11.16 -24.34 -16.14
C LEU B 302 -10.98 -23.02 -15.40
N HIS B 303 -9.89 -22.97 -14.63
CA HIS B 303 -9.61 -21.80 -13.80
C HIS B 303 -9.61 -20.51 -14.62
N MET B 304 -8.92 -20.50 -15.76
N MET B 304 -8.95 -20.50 -15.77
CA MET B 304 -8.86 -19.33 -16.64
CA MET B 304 -8.89 -19.32 -16.62
C MET B 304 -9.91 -19.46 -17.77
C MET B 304 -9.91 -19.43 -17.76
N MET B 305 -11.17 -19.33 -17.38
CA MET B 305 -12.24 -19.45 -18.36
C MET B 305 -12.12 -18.36 -19.41
N HIS B 306 -11.71 -17.14 -19.02
CA HIS B 306 -11.62 -16.07 -19.99
C HIS B 306 -10.65 -16.39 -21.10
N LEU B 307 -9.69 -17.29 -20.85
CA LEU B 307 -8.69 -17.65 -21.83
C LEU B 307 -9.07 -18.92 -22.58
N PHE B 308 -9.56 -19.92 -21.87
CA PHE B 308 -9.81 -21.23 -22.48
C PHE B 308 -11.23 -21.39 -23.00
N ASP B 309 -12.19 -20.56 -22.56
CA ASP B 309 -13.55 -20.55 -23.10
C ASP B 309 -14.02 -19.10 -23.17
N PRO B 310 -13.40 -18.29 -24.05
CA PRO B 310 -13.72 -16.87 -24.07
C PRO B 310 -15.18 -16.57 -24.38
N ALA B 311 -15.82 -17.34 -25.26
CA ALA B 311 -17.23 -17.01 -25.56
C ALA B 311 -18.11 -17.18 -24.33
N ARG B 312 -17.85 -18.22 -23.53
CA ARG B 312 -18.63 -18.43 -22.31
C ARG B 312 -18.35 -17.33 -21.30
N TYR B 313 -17.09 -16.98 -21.13
CA TYR B 313 -16.75 -15.89 -20.22
C TYR B 313 -17.42 -14.58 -20.64
N ALA B 314 -17.30 -14.21 -21.92
CA ALA B 314 -17.87 -12.97 -22.42
C ALA B 314 -19.37 -12.90 -22.19
N GLU B 315 -20.07 -14.01 -22.44
CA GLU B 315 -21.51 -14.06 -22.17
C GLU B 315 -21.80 -13.82 -20.69
N ILE B 316 -21.02 -14.44 -19.81
CA ILE B 316 -21.27 -14.30 -18.39
C ILE B 316 -21.09 -12.84 -18.00
N LEU B 317 -19.96 -12.26 -18.41
CA LEU B 317 -19.63 -10.88 -18.09
C LEU B 317 -20.65 -9.93 -18.71
N THR B 318 -20.96 -10.12 -19.99
CA THR B 318 -21.86 -9.18 -20.68
C THR B 318 -23.28 -9.24 -20.09
N SER B 319 -23.80 -10.44 -19.92
CA SER B 319 -25.16 -10.60 -19.38
C SER B 319 -25.28 -10.03 -17.98
N TRP B 320 -24.29 -10.31 -17.12
CA TRP B 320 -24.32 -9.76 -15.79
C TRP B 320 -24.23 -8.23 -15.83
N SER B 321 -23.31 -7.70 -16.62
CA SER B 321 -23.15 -6.27 -16.64
C SER B 321 -24.42 -5.56 -17.10
N ALA B 322 -25.25 -6.23 -17.92
CA ALA B 322 -26.49 -5.62 -18.39
C ALA B 322 -27.52 -5.50 -17.28
N THR B 323 -27.34 -6.22 -16.16
CA THR B 323 -28.24 -6.10 -15.04
C THR B 323 -27.82 -5.02 -14.05
N LEU B 324 -26.69 -4.37 -14.29
CA LEU B 324 -26.19 -3.33 -13.42
C LEU B 324 -26.94 -2.01 -13.67
N PRO B 325 -27.16 -1.22 -12.62
CA PRO B 325 -27.71 0.13 -12.84
C PRO B 325 -26.80 0.96 -13.72
N ALA B 326 -27.42 1.85 -14.50
CA ALA B 326 -26.69 2.71 -15.44
C ALA B 326 -25.68 3.63 -14.75
#